data_1T3L
#
_entry.id   1T3L
#
_cell.length_a   72.775
_cell.length_b   168.262
_cell.length_c   34.233
_cell.angle_alpha   90.00
_cell.angle_beta   90.00
_cell.angle_gamma   90.00
#
_symmetry.space_group_name_H-M   'P 21 21 2'
#
loop_
_entity.id
_entity.type
_entity.pdbx_description
1 polymer 'Dihydropyridine-sensitive L-type, calcium channel beta-2 subunit'
2 polymer 'Voltage-dependent L-type calcium channel alpha-1S subunit'
3 water water
#
loop_
_entity_poly.entity_id
_entity_poly.type
_entity_poly.pdbx_seq_one_letter_code
_entity_poly.pdbx_strand_id
1 'polypeptide(L)'
;SRPSDSDVSLEEDREAVRREAERQAQAQLEKAKTKPVAFAVRTNVSYSAAHEDDVPVPGMAISFEAKDFLHVKEKFNNDW
WIGRLVKEGCEIGFIPSRVKLENMRLQHEQRAKEFKLHSKEKRMPFFKKTEHTPPYDVVPSMRPVVLVGPSLKGYEVTDM
MQKALFDFLKHRFEGRISITRVTADISLAKRSVLNNPSKHAIIERSNTRSSLAEVQSEIERIFELARTLQLVVLDADTIN
HPAQLSKTSLAPIVVYVKISSPKVLQRLIKSRGKSQAKHLNVQMVAADKLAQCPPELFDVILDENQLEDACEHLADYLEA
YWKATHPPSSNLPNPLL
;
A
2 'polypeptide(L)' QQLEEDLRGYMSWITQGE B
#
# COMPACT_ATOMS: atom_id res chain seq x y z
N LEU A 10 18.76 46.94 8.79
CA LEU A 10 18.37 46.76 7.37
C LEU A 10 18.26 45.24 7.08
N GLU A 11 19.03 44.73 6.10
CA GLU A 11 18.99 43.31 5.76
C GLU A 11 19.71 42.42 6.81
N GLU A 12 20.55 43.01 7.65
CA GLU A 12 21.31 42.24 8.64
C GLU A 12 20.48 41.78 9.84
N ASP A 13 19.37 42.48 10.11
CA ASP A 13 18.45 42.10 11.18
C ASP A 13 17.32 41.18 10.70
N ARG A 14 16.97 41.29 9.42
CA ARG A 14 16.11 40.30 8.78
C ARG A 14 16.80 38.93 8.76
N GLU A 15 18.12 38.93 8.57
CA GLU A 15 18.90 37.71 8.56
C GLU A 15 19.02 37.13 9.96
N ALA A 16 19.10 37.99 10.98
CA ALA A 16 19.07 37.53 12.37
C ALA A 16 17.73 36.89 12.75
N VAL A 17 16.63 37.45 12.24
CA VAL A 17 15.30 36.90 12.47
C VAL A 17 15.12 35.53 11.76
N ARG A 18 15.70 35.40 10.55
CA ARG A 18 15.56 34.17 9.78
C ARG A 18 16.51 33.12 10.35
N ARG A 19 17.59 33.54 11.00
CA ARG A 19 18.56 32.58 11.50
C ARG A 19 18.04 31.91 12.73
N GLU A 20 17.51 32.69 13.66
CA GLU A 20 16.97 32.12 14.87
C GLU A 20 15.79 31.22 14.53
N ALA A 21 14.89 31.70 13.64
CA ALA A 21 13.69 30.94 13.24
C ALA A 21 14.01 29.60 12.57
N GLU A 22 15.14 29.54 11.87
CA GLU A 22 15.62 28.36 11.22
C GLU A 22 16.01 27.38 12.30
N ARG A 23 16.59 27.92 13.36
CA ARG A 23 17.09 27.11 14.47
C ARG A 23 15.97 26.49 15.28
N GLN A 24 14.84 27.20 15.33
CA GLN A 24 13.66 26.74 16.04
C GLN A 24 13.08 25.58 15.24
N ALA A 25 13.10 25.75 13.91
CA ALA A 25 12.53 24.79 12.99
C ALA A 25 13.40 23.58 12.99
N GLN A 26 14.71 23.79 12.99
CA GLN A 26 15.62 22.67 13.01
C GLN A 26 15.34 21.83 14.25
N ALA A 27 15.15 22.50 15.38
CA ALA A 27 14.93 21.84 16.65
C ALA A 27 13.63 21.06 16.60
N GLN A 28 12.57 21.67 16.10
CA GLN A 28 11.28 21.00 15.99
C GLN A 28 11.45 19.72 15.19
N LEU A 29 12.10 19.88 14.04
CA LEU A 29 12.39 18.80 13.11
C LEU A 29 13.11 17.65 13.79
N GLU A 30 14.12 17.97 14.60
CA GLU A 30 14.95 16.94 15.21
C GLU A 30 14.13 16.20 16.23
N LYS A 31 13.33 16.95 16.98
CA LYS A 31 12.48 16.38 18.01
C LYS A 31 11.43 15.48 17.40
N ALA A 32 10.99 15.83 16.19
CA ALA A 32 9.96 15.05 15.47
C ALA A 32 10.49 13.74 14.88
N LYS A 33 11.81 13.58 14.78
CA LYS A 33 12.45 12.36 14.28
C LYS A 33 11.91 11.05 14.82
N THR A 34 11.67 10.99 16.10
CA THR A 34 11.34 9.74 16.75
C THR A 34 9.83 9.69 17.06
N LYS A 35 9.10 10.73 16.67
CA LYS A 35 7.66 10.78 16.86
C LYS A 35 6.93 9.80 15.96
N PRO A 36 5.75 9.34 16.38
CA PRO A 36 4.95 8.42 15.57
C PRO A 36 4.42 9.18 14.39
N VAL A 37 3.98 8.41 13.42
CA VAL A 37 3.38 8.92 12.24
C VAL A 37 1.94 9.25 12.52
N ALA A 38 1.58 10.53 12.37
CA ALA A 38 0.17 10.98 12.49
C ALA A 38 -0.77 10.37 11.43
N PHE A 39 -0.37 10.42 10.17
CA PHE A 39 -1.10 9.78 9.10
C PHE A 39 -0.14 9.55 7.93
N ALA A 40 -0.59 8.79 6.95
CA ALA A 40 0.16 8.57 5.71
C ALA A 40 -0.63 9.09 4.54
N VAL A 41 0.05 9.48 3.45
CA VAL A 41 -0.66 9.85 2.22
C VAL A 41 -0.03 9.24 1.03
N ARG A 42 -0.84 8.92 0.04
CA ARG A 42 -0.32 8.66 -1.27
C ARG A 42 -0.48 9.95 -2.07
N THR A 43 0.54 10.36 -2.79
CA THR A 43 0.45 11.64 -3.49
C THR A 43 -0.17 11.50 -4.85
N ASN A 44 -0.92 12.51 -5.26
CA ASN A 44 -1.48 12.57 -6.59
C ASN A 44 -0.70 13.51 -7.52
N VAL A 45 0.22 14.29 -6.94
CA VAL A 45 1.06 15.24 -7.67
C VAL A 45 2.53 15.10 -7.27
N SER A 46 3.43 15.53 -8.15
CA SER A 46 4.86 15.63 -7.85
C SER A 46 5.15 17.01 -7.26
N TYR A 47 6.05 17.07 -6.31
CA TYR A 47 6.52 18.34 -5.77
C TYR A 47 8.04 18.38 -5.77
N SER A 48 8.58 19.50 -6.25
CA SER A 48 10.00 19.78 -6.25
C SER A 48 10.29 21.04 -5.39
N ALA A 49 11.22 20.90 -4.44
CA ALA A 49 11.56 21.97 -3.49
C ALA A 49 12.69 22.84 -4.00
N ALA A 50 13.35 22.35 -5.04
CA ALA A 50 14.50 22.99 -5.68
C ALA A 50 14.46 24.52 -5.82
N HIS A 51 13.28 25.12 -5.92
CA HIS A 51 13.23 26.54 -6.24
C HIS A 51 12.43 27.38 -5.30
N GLU A 52 12.53 27.13 -4.01
CA GLU A 52 11.77 28.00 -3.15
C GLU A 52 12.36 28.38 -1.82
N ASP A 53 11.91 29.54 -1.35
CA ASP A 53 12.25 30.11 -0.07
C ASP A 53 11.06 29.85 0.88
N ASP A 54 11.01 30.60 1.97
CA ASP A 54 10.24 30.23 3.16
C ASP A 54 9.93 28.73 3.19
N VAL A 55 11.00 27.95 3.10
CA VAL A 55 11.03 26.55 3.50
C VAL A 55 11.70 26.58 4.89
N PRO A 56 11.00 26.15 5.93
CA PRO A 56 11.46 26.30 7.30
C PRO A 56 12.95 26.10 7.57
N VAL A 57 13.58 25.12 6.93
CA VAL A 57 15.02 24.95 7.04
C VAL A 57 15.49 24.70 5.63
N PRO A 58 16.30 25.62 5.10
CA PRO A 58 16.94 25.47 3.80
C PRO A 58 17.49 24.06 3.46
N GLY A 59 17.00 23.47 2.38
CA GLY A 59 17.55 22.23 1.87
C GLY A 59 16.86 20.99 2.43
N MET A 60 15.83 21.24 3.23
CA MET A 60 15.18 20.25 4.07
C MET A 60 13.75 19.95 3.65
N ALA A 61 13.31 20.57 2.55
CA ALA A 61 12.01 20.27 2.00
C ALA A 61 12.09 18.91 1.33
N ILE A 62 10.96 18.21 1.35
CA ILE A 62 10.85 16.87 0.81
C ILE A 62 10.26 16.98 -0.55
N SER A 63 11.03 16.59 -1.54
CA SER A 63 10.52 16.50 -2.88
C SER A 63 9.97 15.09 -3.11
N PHE A 64 8.99 14.96 -3.99
CA PHE A 64 8.34 13.67 -4.20
C PHE A 64 7.65 13.66 -5.53
N GLU A 65 7.44 12.46 -6.01
CA GLU A 65 6.80 12.22 -7.27
C GLU A 65 5.34 11.87 -7.02
N ALA A 66 4.51 11.93 -8.06
CA ALA A 66 3.12 11.48 -7.95
C ALA A 66 3.17 9.98 -7.62
N LYS A 67 2.24 9.55 -6.77
CA LYS A 67 2.05 8.17 -6.30
C LYS A 67 3.04 7.71 -5.29
N ASP A 68 3.79 8.67 -4.74
CA ASP A 68 4.70 8.38 -3.66
C ASP A 68 3.91 8.36 -2.35
N PHE A 69 4.52 7.75 -1.35
CA PHE A 69 3.95 7.62 -0.03
C PHE A 69 4.75 8.46 0.94
N LEU A 70 4.02 9.23 1.73
CA LEU A 70 4.57 10.12 2.72
C LEU A 70 4.02 9.81 4.07
N HIS A 71 4.89 9.94 5.07
CA HIS A 71 4.52 9.76 6.47
C HIS A 71 4.58 11.10 7.13
N VAL A 72 3.44 11.61 7.58
CA VAL A 72 3.32 12.90 8.23
C VAL A 72 3.27 12.72 9.71
N LYS A 73 4.19 13.39 10.39
CA LYS A 73 4.37 13.29 11.83
C LYS A 73 3.73 14.47 12.61
N GLU A 74 3.85 15.66 12.07
CA GLU A 74 3.51 16.86 12.83
C GLU A 74 3.29 18.12 11.97
N LYS A 75 2.48 19.03 12.45
CA LYS A 75 2.23 20.29 11.76
C LYS A 75 3.24 21.31 12.19
N PHE A 76 4.09 21.79 11.27
CA PHE A 76 4.94 22.95 11.53
C PHE A 76 4.13 24.26 11.48
N ASN A 77 3.50 24.53 10.34
CA ASN A 77 2.59 25.66 10.22
C ASN A 77 1.56 25.42 9.08
N ASN A 78 0.77 26.42 8.71
CA ASN A 78 -0.26 26.24 7.66
C ASN A 78 0.31 25.82 6.31
N ASP A 79 1.58 26.13 6.08
CA ASP A 79 2.24 25.81 4.85
C ASP A 79 3.04 24.48 4.83
N TRP A 80 3.50 24.01 5.98
CA TRP A 80 4.44 22.91 6.05
C TRP A 80 4.06 21.92 7.14
N TRP A 81 4.23 20.64 6.84
CA TRP A 81 4.16 19.61 7.83
C TRP A 81 5.55 19.01 7.96
N ILE A 82 5.75 18.18 8.97
CA ILE A 82 7.03 17.54 9.18
C ILE A 82 6.79 16.06 8.92
N GLY A 83 7.57 15.49 8.04
CA GLY A 83 7.48 14.07 7.84
C GLY A 83 8.52 13.57 6.93
N ARG A 84 8.21 12.50 6.22
CA ARG A 84 9.20 11.84 5.42
C ARG A 84 8.64 11.04 4.27
N LEU A 85 9.46 10.95 3.23
CA LEU A 85 9.19 10.11 2.08
C LEU A 85 9.44 8.70 2.57
N VAL A 86 8.52 7.82 2.25
CA VAL A 86 8.65 6.43 2.63
C VAL A 86 9.60 5.80 1.62
N LYS A 87 10.87 5.79 1.98
CA LYS A 87 11.94 5.39 1.09
C LYS A 87 13.21 5.23 1.92
N GLU A 88 13.95 4.17 1.65
CA GLU A 88 14.95 3.64 2.58
C GLU A 88 15.81 4.63 3.35
N GLY A 89 16.38 5.61 2.67
CA GLY A 89 17.22 6.58 3.35
C GLY A 89 16.65 7.97 3.55
N CYS A 90 15.37 8.23 3.29
CA CYS A 90 14.80 9.57 3.59
C CYS A 90 14.64 9.77 5.06
N GLU A 91 15.06 10.94 5.49
CA GLU A 91 14.95 11.34 6.87
C GLU A 91 13.84 12.36 6.92
N ILE A 92 13.51 12.77 8.13
CA ILE A 92 12.55 13.80 8.35
C ILE A 92 12.89 15.07 7.54
N GLY A 93 11.82 15.77 7.20
CA GLY A 93 11.92 17.00 6.43
C GLY A 93 10.58 17.71 6.42
N PHE A 94 10.52 18.77 5.62
CA PHE A 94 9.34 19.58 5.52
C PHE A 94 8.57 19.21 4.29
N ILE A 95 7.31 18.86 4.47
CA ILE A 95 6.42 18.52 3.40
C ILE A 95 5.43 19.66 3.25
N PRO A 96 5.17 20.11 2.03
CA PRO A 96 4.21 21.18 1.80
C PRO A 96 2.78 20.73 2.09
N SER A 97 2.01 21.56 2.79
CA SER A 97 0.63 21.21 3.10
C SER A 97 -0.17 21.27 1.80
N ARG A 98 -1.41 20.77 1.85
CA ARG A 98 -2.29 20.85 0.70
C ARG A 98 -2.63 22.31 0.36
N VAL A 99 -2.81 23.13 1.38
CA VAL A 99 -3.05 24.55 1.23
C VAL A 99 -1.90 25.17 0.46
N LYS A 100 -0.67 24.85 0.81
CA LYS A 100 0.48 25.39 0.09
C LYS A 100 0.53 24.96 -1.35
N LEU A 101 0.27 23.69 -1.57
CA LEU A 101 0.28 23.10 -2.89
C LEU A 101 -0.81 23.70 -3.76
N GLU A 102 -1.95 24.00 -3.17
CA GLU A 102 -3.05 24.61 -3.90
C GLU A 102 -2.77 26.06 -4.18
N ASN A 103 -2.15 26.76 -3.23
CA ASN A 103 -1.64 28.10 -3.45
C ASN A 103 -0.56 28.13 -4.53
N MET A 104 0.31 27.13 -4.54
CA MET A 104 1.29 27.01 -5.61
C MET A 104 0.58 26.74 -6.93
N ARG A 105 -0.51 25.99 -6.92
CA ARG A 105 -1.23 25.77 -8.18
C ARG A 105 -1.89 27.02 -8.73
N LEU A 106 -2.47 27.85 -7.86
CA LEU A 106 -3.11 29.11 -8.23
C LEU A 106 -2.08 30.13 -8.74
N GLN A 107 -0.92 30.17 -8.10
CA GLN A 107 0.20 31.01 -8.52
C GLN A 107 0.73 30.59 -9.88
N HIS A 108 0.72 29.29 -10.15
CA HIS A 108 1.12 28.77 -11.44
C HIS A 108 0.10 29.16 -12.52
N GLU A 109 -1.18 29.10 -12.18
CA GLU A 109 -2.27 29.50 -13.06
C GLU A 109 -2.19 31.02 -13.34
N GLN A 110 -1.93 31.84 -12.33
CA GLN A 110 -1.79 33.28 -12.53
C GLN A 110 -0.57 33.60 -13.38
N ARG A 111 0.53 32.88 -13.16
CA ARG A 111 1.67 33.04 -14.05
C ARG A 111 1.29 32.69 -15.46
N ALA A 112 0.45 31.67 -15.63
CA ALA A 112 0.13 31.14 -16.97
C ALA A 112 -0.66 32.14 -17.78
N LYS A 113 -1.61 32.78 -17.12
CA LYS A 113 -2.42 33.83 -17.72
C LYS A 113 -1.53 35.00 -18.09
N GLU A 114 -0.55 35.30 -17.25
CA GLU A 114 0.26 36.50 -17.42
C GLU A 114 1.27 36.43 -18.56
N PHE A 115 1.43 35.26 -19.15
CA PHE A 115 2.30 35.08 -20.30
C PHE A 115 1.66 35.62 -21.59
N LYS A 116 0.33 35.65 -21.61
CA LYS A 116 -0.49 36.15 -22.73
C LYS A 116 -0.07 35.50 -24.03
N LEU A 117 -0.13 34.17 -24.07
CA LEU A 117 0.27 33.38 -25.22
C LEU A 117 -0.84 33.32 -26.27
N THR A 133 -6.84 19.09 -7.76
CA THR A 133 -7.75 18.33 -6.89
C THR A 133 -6.98 17.26 -6.11
N PRO A 134 -7.47 16.97 -4.90
CA PRO A 134 -6.65 16.50 -3.79
C PRO A 134 -5.24 16.02 -4.16
N PRO A 135 -4.20 16.73 -3.73
CA PRO A 135 -2.81 16.30 -3.92
C PRO A 135 -2.41 15.13 -3.05
N TYR A 136 -3.13 14.91 -1.96
CA TYR A 136 -2.85 13.84 -1.01
C TYR A 136 -4.12 13.03 -0.70
N ASP A 137 -4.01 11.71 -0.83
CA ASP A 137 -5.07 10.79 -0.42
C ASP A 137 -4.58 10.05 0.81
N VAL A 138 -5.41 10.01 1.85
CA VAL A 138 -4.99 9.42 3.08
C VAL A 138 -4.92 7.92 2.87
N VAL A 139 -3.92 7.29 3.47
CA VAL A 139 -3.65 5.85 3.23
C VAL A 139 -3.22 5.24 4.59
N PRO A 140 -3.27 3.91 4.73
CA PRO A 140 -2.76 3.31 5.95
C PRO A 140 -1.27 3.60 6.05
N SER A 141 -0.73 3.78 7.25
CA SER A 141 0.70 4.05 7.41
C SER A 141 1.62 2.89 7.04
N MET A 142 1.06 1.71 6.94
CA MET A 142 1.71 0.61 6.25
C MET A 142 0.77 0.00 5.20
N ARG A 143 1.21 -0.08 3.96
CA ARG A 143 0.44 -0.72 2.90
C ARG A 143 0.08 -2.20 3.28
N PRO A 144 -1.20 -2.53 3.35
CA PRO A 144 -1.59 -3.92 3.68
C PRO A 144 -1.17 -4.84 2.56
N VAL A 145 -0.51 -5.93 2.91
CA VAL A 145 -0.16 -6.96 1.93
C VAL A 145 -1.39 -7.80 1.62
N VAL A 146 -1.73 -7.91 0.34
CA VAL A 146 -2.81 -8.78 -0.13
C VAL A 146 -2.29 -9.87 -1.10
N LEU A 147 -2.70 -11.12 -0.87
CA LEU A 147 -2.34 -12.24 -1.74
C LEU A 147 -3.49 -12.55 -2.69
N VAL A 148 -3.13 -12.62 -3.97
CA VAL A 148 -4.01 -13.08 -5.02
C VAL A 148 -3.33 -14.18 -5.83
N GLY A 149 -4.12 -15.16 -6.24
CA GLY A 149 -3.69 -16.30 -7.00
C GLY A 149 -3.15 -17.43 -6.14
N PRO A 150 -2.78 -18.55 -6.76
CA PRO A 150 -2.75 -18.73 -8.22
C PRO A 150 -4.10 -18.80 -8.94
N SER A 151 -5.14 -19.04 -8.17
CA SER A 151 -6.50 -19.15 -8.66
C SER A 151 -7.48 -18.50 -7.68
N LEU A 152 -8.72 -18.95 -7.71
CA LEU A 152 -9.78 -18.50 -6.81
C LEU A 152 -9.57 -18.96 -5.38
N LYS A 153 -9.74 -18.02 -4.44
CA LYS A 153 -9.79 -18.34 -3.01
C LYS A 153 -11.09 -19.09 -2.72
N GLY A 154 -11.05 -19.90 -1.66
CA GLY A 154 -12.15 -20.75 -1.26
C GLY A 154 -12.04 -22.13 -1.89
N TYR A 155 -11.00 -22.31 -2.71
CA TYR A 155 -10.61 -23.61 -3.28
C TYR A 155 -9.26 -24.01 -2.70
N GLU A 156 -8.95 -25.30 -2.76
CA GLU A 156 -7.87 -25.85 -1.94
C GLU A 156 -6.48 -25.43 -2.43
N VAL A 157 -6.21 -25.45 -3.72
CA VAL A 157 -4.89 -25.15 -4.25
C VAL A 157 -4.47 -23.71 -3.85
N THR A 158 -5.37 -22.75 -4.01
CA THR A 158 -5.05 -21.36 -3.72
C THR A 158 -4.99 -21.18 -2.23
N ASP A 159 -6.01 -21.67 -1.52
CA ASP A 159 -6.04 -21.54 -0.07
C ASP A 159 -4.89 -22.22 0.61
N MET A 160 -4.51 -23.42 0.15
CA MET A 160 -3.39 -24.10 0.75
C MET A 160 -2.07 -23.37 0.42
N MET A 161 -1.93 -22.92 -0.81
CA MET A 161 -0.74 -22.21 -1.23
C MET A 161 -0.58 -20.86 -0.54
N GLN A 162 -1.67 -20.17 -0.27
CA GLN A 162 -1.56 -18.94 0.48
C GLN A 162 -1.30 -19.18 1.94
N LYS A 163 -1.95 -20.17 2.52
CA LYS A 163 -1.72 -20.50 3.91
C LYS A 163 -0.20 -20.72 4.13
N ALA A 164 0.43 -21.46 3.26
CA ALA A 164 1.86 -21.70 3.41
C ALA A 164 2.64 -20.38 3.49
N LEU A 165 2.29 -19.44 2.61
CA LEU A 165 2.98 -18.17 2.61
C LEU A 165 2.68 -17.39 3.88
N PHE A 166 1.42 -17.32 4.29
CA PHE A 166 1.04 -16.69 5.55
C PHE A 166 1.77 -17.27 6.77
N ASP A 167 1.89 -18.60 6.86
CA ASP A 167 2.64 -19.23 7.95
C ASP A 167 4.09 -18.81 7.96
N PHE A 168 4.71 -18.71 6.79
CA PHE A 168 6.08 -18.30 6.72
C PHE A 168 6.25 -16.87 7.19
N LEU A 169 5.46 -15.97 6.64
CA LEU A 169 5.55 -14.56 7.05
C LEU A 169 5.40 -14.37 8.56
N LYS A 170 4.44 -15.05 9.20
CA LYS A 170 4.26 -15.02 10.65
C LYS A 170 5.57 -15.35 11.38
N HIS A 171 6.33 -16.29 10.81
CA HIS A 171 7.64 -16.69 11.37
C HIS A 171 8.78 -15.75 11.05
N ARG A 172 8.94 -15.42 9.77
CA ARG A 172 10.01 -14.56 9.30
C ARG A 172 9.92 -13.14 9.86
N PHE A 173 8.69 -12.70 10.14
CA PHE A 173 8.46 -11.33 10.61
C PHE A 173 7.80 -11.29 11.95
N GLU A 174 7.87 -12.40 12.66
CA GLU A 174 7.33 -12.44 14.04
C GLU A 174 7.81 -11.21 14.80
N GLY A 175 6.88 -10.55 15.48
CA GLY A 175 7.18 -9.36 16.25
C GLY A 175 6.96 -8.06 15.48
N ARG A 176 6.88 -8.14 14.17
CA ARG A 176 6.77 -6.97 13.32
C ARG A 176 5.62 -7.18 12.39
N ILE A 177 4.74 -8.13 12.67
CA ILE A 177 3.74 -8.43 11.65
C ILE A 177 2.39 -8.64 12.24
N SER A 178 1.36 -8.20 11.55
CA SER A 178 0.00 -8.52 11.92
C SER A 178 -0.69 -9.14 10.71
N ILE A 179 -1.11 -10.39 10.82
CA ILE A 179 -1.84 -11.03 9.74
C ILE A 179 -3.25 -11.16 10.23
N THR A 180 -4.22 -10.66 9.45
CA THR A 180 -5.61 -10.71 9.86
C THR A 180 -6.53 -11.15 8.74
N ARG A 181 -7.55 -11.90 9.12
CA ARG A 181 -8.57 -12.36 8.18
C ARG A 181 -9.55 -11.23 7.93
N VAL A 182 -9.84 -11.00 6.65
CA VAL A 182 -10.89 -10.06 6.25
C VAL A 182 -11.92 -10.78 5.35
N THR A 183 -13.05 -11.12 5.97
CA THR A 183 -14.17 -11.77 5.28
C THR A 183 -15.03 -10.76 4.55
N ALA A 184 -15.23 -9.59 5.18
CA ALA A 184 -15.95 -8.45 4.59
C ALA A 184 -15.43 -8.15 3.19
N ASP A 185 -16.33 -7.75 2.30
CA ASP A 185 -15.95 -7.49 0.93
C ASP A 185 -15.36 -6.09 0.84
N ILE A 186 -14.06 -5.98 1.07
CA ILE A 186 -13.42 -4.69 1.06
C ILE A 186 -13.28 -4.14 -0.34
N SER A 187 -13.58 -4.93 -1.38
CA SER A 187 -13.69 -4.37 -2.73
C SER A 187 -14.77 -3.24 -2.86
N LEU A 188 -15.82 -3.27 -2.05
CA LEU A 188 -16.83 -2.20 -2.06
C LEU A 188 -16.35 -0.90 -1.44
N ALA A 189 -15.11 -0.87 -0.98
CA ALA A 189 -14.61 0.23 -0.16
C ALA A 189 -14.08 1.39 -0.99
N LYS A 190 -14.73 1.69 -2.12
CA LYS A 190 -14.30 2.80 -2.97
C LYS A 190 -14.29 4.05 -2.11
N ARG A 191 -13.22 4.81 -2.22
CA ARG A 191 -13.03 6.01 -1.44
C ARG A 191 -14.20 6.98 -1.38
N SER A 192 -14.90 7.17 -2.49
CA SER A 192 -15.99 8.16 -2.60
C SER A 192 -17.22 7.67 -1.90
N VAL A 193 -17.40 6.35 -1.94
CA VAL A 193 -18.53 5.69 -1.29
C VAL A 193 -18.38 5.86 0.19
N LEU A 194 -17.17 5.69 0.69
CA LEU A 194 -16.92 5.79 2.12
C LEU A 194 -16.90 7.21 2.73
N ASN A 195 -16.62 8.24 1.90
CA ASN A 195 -16.66 9.64 2.39
C ASN A 195 -18.10 10.20 2.39
N ASN A 196 -19.02 9.52 1.71
CA ASN A 196 -20.35 10.06 1.43
C ASN A 196 -21.20 10.06 2.71
N PRO A 197 -21.49 11.24 3.25
CA PRO A 197 -22.27 11.33 4.49
C PRO A 197 -23.79 11.09 4.29
N SER A 198 -24.25 11.22 3.04
CA SER A 198 -25.68 11.18 2.71
C SER A 198 -26.30 9.87 3.12
N LYS A 199 -27.47 9.97 3.75
CA LYS A 199 -28.23 8.80 4.19
C LYS A 199 -29.03 8.23 3.01
N HIS A 200 -29.01 8.94 1.88
CA HIS A 200 -29.60 8.47 0.64
C HIS A 200 -28.66 7.63 -0.21
N ALA A 201 -27.38 7.65 0.11
CA ALA A 201 -26.42 6.87 -0.68
C ALA A 201 -26.78 5.38 -0.76
N ILE A 202 -27.42 4.85 0.28
CA ILE A 202 -27.80 3.45 0.34
C ILE A 202 -28.78 3.01 -0.77
N ILE A 203 -29.64 3.92 -1.21
CA ILE A 203 -30.59 3.63 -2.32
C ILE A 203 -29.91 3.50 -3.69
N GLU A 204 -28.66 3.92 -3.80
CA GLU A 204 -27.89 3.66 -5.02
C GLU A 204 -27.27 2.28 -5.08
N ARG A 205 -27.13 1.62 -3.93
CA ARG A 205 -26.46 0.35 -3.88
C ARG A 205 -27.50 -0.73 -4.18
N SER A 206 -27.45 -1.16 -5.43
CA SER A 206 -28.25 -2.28 -5.90
C SER A 206 -27.87 -3.33 -4.90
N ASN A 207 -28.33 -4.55 -5.09
CA ASN A 207 -27.99 -5.61 -4.13
C ASN A 207 -26.61 -5.34 -3.64
N THR A 208 -26.47 -5.29 -2.33
CA THR A 208 -25.15 -5.16 -1.79
C THR A 208 -24.65 -6.55 -1.55
N ARG A 209 -23.34 -6.66 -1.68
CA ARG A 209 -22.59 -7.79 -1.19
C ARG A 209 -22.77 -7.76 0.35
N SER A 210 -21.66 -7.53 1.06
CA SER A 210 -21.70 -7.21 2.50
C SER A 210 -22.16 -5.76 2.68
N SER A 211 -22.35 -5.36 3.93
CA SER A 211 -22.81 -4.04 4.29
C SER A 211 -21.74 -2.98 4.19
N LEU A 212 -22.06 -1.79 3.70
CA LEU A 212 -21.04 -0.74 3.63
C LEU A 212 -20.52 -0.18 4.96
N ALA A 213 -21.37 -0.23 5.99
CA ALA A 213 -20.96 0.04 7.38
C ALA A 213 -19.88 -0.93 7.84
N GLU A 214 -20.10 -2.24 7.57
CA GLU A 214 -19.17 -3.25 8.02
C GLU A 214 -17.87 -3.06 7.24
N VAL A 215 -17.98 -2.68 5.98
CA VAL A 215 -16.83 -2.45 5.12
C VAL A 215 -16.03 -1.29 5.71
N GLN A 216 -16.71 -0.18 5.99
CA GLN A 216 -16.04 0.99 6.56
C GLN A 216 -15.34 0.60 7.87
N SER A 217 -16.06 -0.07 8.75
CA SER A 217 -15.52 -0.54 10.03
C SER A 217 -14.24 -1.30 9.84
N GLU A 218 -14.22 -2.14 8.80
CA GLU A 218 -13.10 -3.01 8.48
C GLU A 218 -11.89 -2.24 7.88
N ILE A 219 -12.18 -1.24 7.05
CA ILE A 219 -11.16 -0.36 6.53
C ILE A 219 -10.48 0.39 7.68
N GLU A 220 -11.26 0.86 8.66
CA GLU A 220 -10.64 1.59 9.79
C GLU A 220 -9.90 0.63 10.68
N ARG A 221 -10.30 -0.62 10.63
CA ARG A 221 -9.63 -1.66 11.38
C ARG A 221 -8.22 -1.83 10.81
N ILE A 222 -8.12 -1.88 9.48
CA ILE A 222 -6.85 -1.98 8.77
C ILE A 222 -5.98 -0.75 8.99
N PHE A 223 -6.55 0.45 8.86
CA PHE A 223 -5.76 1.66 9.11
C PHE A 223 -5.15 1.59 10.49
N GLU A 224 -5.95 1.15 11.46
CA GLU A 224 -5.54 1.10 12.85
C GLU A 224 -4.45 0.07 13.13
N LEU A 225 -4.52 -1.08 12.47
CA LEU A 225 -3.57 -2.15 12.71
C LEU A 225 -2.17 -1.70 12.27
N ALA A 226 -2.12 -0.76 11.32
CA ALA A 226 -0.87 -0.29 10.74
C ALA A 226 -0.36 0.97 11.39
N ARG A 227 -1.08 1.49 12.36
CA ARG A 227 -0.76 2.83 12.85
C ARG A 227 0.63 2.85 13.52
N THR A 228 1.07 1.72 14.07
CA THR A 228 2.36 1.67 14.74
C THR A 228 3.46 1.19 13.80
N LEU A 229 3.18 1.18 12.52
CA LEU A 229 4.18 0.85 11.49
C LEU A 229 4.63 -0.64 11.48
N GLN A 230 3.86 -1.53 12.09
CA GLN A 230 4.04 -3.00 11.90
C GLN A 230 3.59 -3.41 10.51
N LEU A 231 4.14 -4.49 9.97
CA LEU A 231 3.67 -5.01 8.67
C LEU A 231 2.29 -5.52 8.86
N VAL A 232 1.44 -5.24 7.89
CA VAL A 232 0.04 -5.66 7.93
C VAL A 232 -0.17 -6.53 6.71
N VAL A 233 -0.76 -7.68 6.96
CA VAL A 233 -1.08 -8.64 5.90
C VAL A 233 -2.55 -9.00 6.04
N LEU A 234 -3.29 -8.88 4.95
CA LEU A 234 -4.69 -9.16 4.93
C LEU A 234 -4.88 -10.53 4.27
N ASP A 235 -5.69 -11.36 4.89
CA ASP A 235 -6.17 -12.56 4.29
C ASP A 235 -7.57 -12.20 3.88
N ALA A 236 -7.68 -11.65 2.68
CA ALA A 236 -8.90 -11.08 2.18
C ALA A 236 -9.58 -12.07 1.25
N ASP A 237 -10.60 -12.75 1.78
CA ASP A 237 -11.41 -13.76 1.04
C ASP A 237 -11.98 -13.33 -0.28
N THR A 238 -12.46 -12.09 -0.37
CA THR A 238 -13.13 -11.69 -1.60
C THR A 238 -12.23 -11.18 -2.70
N ILE A 239 -10.95 -10.98 -2.42
CA ILE A 239 -10.05 -10.36 -3.39
C ILE A 239 -9.26 -11.42 -4.17
N ASN A 240 -9.66 -11.60 -5.42
CA ASN A 240 -8.98 -12.47 -6.40
C ASN A 240 -8.21 -11.73 -7.50
N HIS A 241 -8.33 -10.41 -7.50
CA HIS A 241 -7.84 -9.58 -8.59
C HIS A 241 -7.53 -8.19 -8.01
N PRO A 242 -6.39 -7.61 -8.39
CA PRO A 242 -5.97 -6.28 -7.96
C PRO A 242 -6.94 -5.14 -8.23
N ALA A 243 -7.63 -5.20 -9.37
CA ALA A 243 -8.60 -4.18 -9.75
C ALA A 243 -9.73 -4.04 -8.73
N GLN A 244 -9.91 -5.02 -7.84
CA GLN A 244 -10.98 -4.92 -6.88
C GLN A 244 -10.63 -4.01 -5.72
N LEU A 245 -9.36 -3.63 -5.59
CA LEU A 245 -8.92 -2.81 -4.46
C LEU A 245 -8.35 -1.44 -4.88
N SER A 246 -8.15 -1.27 -6.17
CA SER A 246 -7.51 -0.06 -6.71
C SER A 246 -8.28 1.22 -6.38
N LYS A 247 -9.60 1.15 -6.34
CA LYS A 247 -10.36 2.38 -6.08
C LYS A 247 -10.45 2.66 -4.59
N THR A 248 -9.90 1.77 -3.77
CA THR A 248 -10.01 1.89 -2.31
C THR A 248 -8.90 2.70 -1.77
N SER A 249 -9.01 3.01 -0.49
CA SER A 249 -8.06 3.87 0.16
C SER A 249 -6.87 3.08 0.77
N LEU A 250 -6.90 1.74 0.62
CA LEU A 250 -5.92 0.86 1.25
C LEU A 250 -4.54 0.90 0.66
N ALA A 251 -4.42 1.23 -0.62
CA ALA A 251 -3.10 1.20 -1.28
C ALA A 251 -2.32 -0.07 -0.91
N PRO A 252 -2.91 -1.24 -1.17
CA PRO A 252 -2.27 -2.48 -0.76
C PRO A 252 -1.01 -2.82 -1.56
N ILE A 253 -0.14 -3.59 -0.93
CA ILE A 253 0.90 -4.31 -1.65
C ILE A 253 0.21 -5.60 -2.14
N VAL A 254 0.09 -5.78 -3.44
CA VAL A 254 -0.61 -6.92 -3.99
C VAL A 254 0.42 -7.90 -4.52
N VAL A 255 0.42 -9.06 -3.88
CA VAL A 255 1.38 -10.11 -4.15
C VAL A 255 0.65 -11.16 -4.98
N TYR A 256 1.14 -11.37 -6.18
CA TYR A 256 0.60 -12.30 -7.12
C TYR A 256 1.33 -13.62 -7.03
N VAL A 257 0.67 -14.61 -6.47
CA VAL A 257 1.17 -15.98 -6.45
C VAL A 257 0.83 -16.61 -7.79
N LYS A 258 1.79 -16.61 -8.71
CA LYS A 258 1.60 -17.05 -10.08
C LYS A 258 2.18 -18.45 -10.40
N ILE A 259 1.29 -19.35 -10.80
CA ILE A 259 1.67 -20.57 -11.52
C ILE A 259 1.73 -20.29 -13.03
N SER A 260 2.92 -20.38 -13.60
CA SER A 260 3.16 -20.04 -15.00
C SER A 260 2.48 -20.99 -16.02
N SER A 261 2.45 -22.28 -15.75
CA SER A 261 1.88 -23.25 -16.68
C SER A 261 0.47 -23.65 -16.24
N PRO A 262 -0.53 -23.37 -17.07
CA PRO A 262 -1.91 -23.84 -16.81
C PRO A 262 -2.02 -25.35 -16.67
N LYS A 263 -1.19 -26.07 -17.41
CA LYS A 263 -1.14 -27.54 -17.33
C LYS A 263 -0.73 -27.94 -15.92
N VAL A 264 0.18 -27.19 -15.32
CA VAL A 264 0.56 -27.45 -13.93
C VAL A 264 -0.63 -27.21 -12.98
N LEU A 265 -1.40 -26.15 -13.20
CA LEU A 265 -2.48 -25.81 -12.31
C LEU A 265 -3.58 -26.85 -12.34
N GLN A 266 -3.98 -27.17 -13.55
CA GLN A 266 -4.94 -28.22 -13.81
C GLN A 266 -4.55 -29.50 -13.03
N ARG A 267 -3.30 -29.93 -13.18
CA ARG A 267 -2.89 -31.15 -12.50
C ARG A 267 -2.93 -31.04 -10.97
N LEU A 268 -2.49 -29.88 -10.44
CA LEU A 268 -2.52 -29.58 -9.03
C LEU A 268 -3.93 -29.66 -8.47
N ILE A 269 -4.89 -29.12 -9.22
CA ILE A 269 -6.31 -29.11 -8.79
C ILE A 269 -6.84 -30.54 -8.81
N LYS A 270 -6.50 -31.27 -9.86
CA LYS A 270 -6.86 -32.69 -9.94
C LYS A 270 -6.24 -33.49 -8.81
N SER A 271 -5.04 -33.13 -8.35
CA SER A 271 -4.44 -33.85 -7.21
C SER A 271 -5.28 -33.79 -5.96
N ARG A 272 -6.26 -32.88 -5.94
CA ARG A 272 -7.02 -32.61 -4.70
C ARG A 272 -8.35 -33.30 -4.67
N GLY A 273 -8.59 -34.13 -5.69
CA GLY A 273 -9.74 -35.03 -5.71
C GLY A 273 -10.81 -34.54 -6.65
N LYS A 274 -11.90 -35.29 -6.66
CA LYS A 274 -12.94 -35.17 -7.68
C LYS A 274 -13.81 -33.95 -7.40
N SER A 275 -14.11 -33.71 -6.14
CA SER A 275 -14.86 -32.54 -5.76
C SER A 275 -14.20 -31.22 -6.29
N GLN A 276 -13.01 -30.88 -5.76
CA GLN A 276 -12.20 -29.76 -6.25
C GLN A 276 -12.07 -29.70 -7.78
N ALA A 277 -11.87 -30.87 -8.37
CA ALA A 277 -11.69 -31.05 -9.81
C ALA A 277 -12.94 -30.72 -10.62
N LYS A 278 -14.10 -30.81 -9.99
CA LYS A 278 -15.34 -30.50 -10.67
C LYS A 278 -15.38 -29.01 -11.04
N HIS A 279 -14.68 -28.19 -10.26
CA HIS A 279 -14.59 -26.76 -10.52
C HIS A 279 -13.22 -26.40 -11.06
N LEU A 280 -12.69 -27.31 -11.88
CA LEU A 280 -11.48 -27.06 -12.63
C LEU A 280 -11.65 -25.82 -13.50
N ASN A 281 -12.79 -25.76 -14.16
CA ASN A 281 -13.06 -24.75 -15.17
C ASN A 281 -13.10 -23.29 -14.59
N VAL A 282 -13.80 -23.04 -13.50
CA VAL A 282 -13.81 -21.68 -12.95
C VAL A 282 -12.44 -21.31 -12.44
N GLN A 283 -11.79 -22.27 -11.78
CA GLN A 283 -10.46 -22.10 -11.25
C GLN A 283 -9.45 -21.70 -12.31
N MET A 284 -9.55 -22.28 -13.51
CA MET A 284 -8.62 -21.97 -14.60
C MET A 284 -8.94 -20.62 -15.21
N VAL A 285 -10.19 -20.21 -15.05
CA VAL A 285 -10.64 -18.97 -15.63
C VAL A 285 -10.06 -17.82 -14.83
N ALA A 286 -10.23 -17.86 -13.51
CA ALA A 286 -9.64 -16.88 -12.59
C ALA A 286 -8.13 -16.79 -12.78
N ALA A 287 -7.47 -17.93 -12.96
CA ALA A 287 -6.03 -17.97 -13.12
C ALA A 287 -5.65 -17.23 -14.39
N ASP A 288 -6.32 -17.54 -15.48
CA ASP A 288 -6.06 -16.84 -16.71
C ASP A 288 -6.41 -15.35 -16.64
N LYS A 289 -7.44 -14.97 -15.87
CA LYS A 289 -7.81 -13.57 -15.64
C LYS A 289 -6.66 -12.80 -15.01
N LEU A 290 -6.07 -13.41 -13.98
CA LEU A 290 -4.91 -12.81 -13.31
C LEU A 290 -3.76 -12.75 -14.30
N ALA A 291 -3.61 -13.81 -15.10
CA ALA A 291 -2.52 -13.89 -16.07
C ALA A 291 -2.56 -12.81 -17.13
N GLN A 292 -3.75 -12.30 -17.48
CA GLN A 292 -3.81 -11.21 -18.46
C GLN A 292 -3.81 -9.82 -17.80
N CYS A 293 -3.91 -9.78 -16.47
CA CYS A 293 -3.74 -8.54 -15.74
C CYS A 293 -2.35 -7.90 -16.04
N PRO A 294 -2.28 -6.62 -16.42
CA PRO A 294 -0.98 -5.93 -16.58
C PRO A 294 -0.04 -6.09 -15.36
N PRO A 295 1.26 -6.26 -15.57
CA PRO A 295 2.17 -6.51 -14.43
C PRO A 295 2.16 -5.36 -13.41
N GLU A 296 1.92 -4.15 -13.90
CA GLU A 296 1.85 -2.96 -13.10
C GLU A 296 0.77 -2.95 -12.00
N LEU A 297 -0.22 -3.84 -12.08
CA LEU A 297 -1.25 -3.91 -11.05
C LEU A 297 -0.82 -4.69 -9.83
N PHE A 298 0.35 -5.30 -9.93
CA PHE A 298 0.91 -6.07 -8.81
C PHE A 298 2.13 -5.35 -8.27
N ASP A 299 2.45 -5.66 -7.03
CA ASP A 299 3.62 -5.12 -6.36
C ASP A 299 4.73 -6.11 -6.38
N VAL A 300 4.36 -7.38 -6.26
CA VAL A 300 5.30 -8.50 -6.31
C VAL A 300 4.68 -9.66 -7.06
N ILE A 301 5.46 -10.38 -7.86
CA ILE A 301 4.95 -11.60 -8.50
C ILE A 301 5.83 -12.75 -8.12
N LEU A 302 5.22 -13.72 -7.43
CA LEU A 302 5.89 -14.92 -6.96
C LEU A 302 5.56 -16.04 -7.95
N ASP A 303 6.45 -16.26 -8.89
CA ASP A 303 6.25 -17.28 -9.92
C ASP A 303 7.25 -18.41 -9.72
N GLU A 304 7.87 -18.45 -8.54
CA GLU A 304 8.84 -19.49 -8.23
C GLU A 304 8.10 -20.83 -8.01
N ASN A 305 8.70 -21.94 -8.50
CA ASN A 305 8.25 -23.34 -8.33
C ASN A 305 8.27 -23.82 -6.89
N GLN A 306 9.22 -23.29 -6.11
CA GLN A 306 9.51 -23.81 -4.77
C GLN A 306 9.02 -22.80 -3.75
N LEU A 307 8.22 -23.25 -2.79
CA LEU A 307 7.78 -22.44 -1.68
C LEU A 307 8.89 -21.63 -1.02
N GLU A 308 10.01 -22.29 -0.79
CA GLU A 308 11.18 -21.68 -0.18
C GLU A 308 11.64 -20.49 -0.97
N ASP A 309 11.66 -20.60 -2.29
CA ASP A 309 12.13 -19.51 -3.12
C ASP A 309 11.15 -18.34 -3.17
N ALA A 310 9.84 -18.62 -3.22
CA ALA A 310 8.78 -17.60 -3.19
C ALA A 310 8.83 -16.88 -1.88
N CYS A 311 9.06 -17.62 -0.82
CA CYS A 311 9.08 -17.06 0.53
C CYS A 311 10.21 -16.09 0.69
N GLU A 312 11.38 -16.49 0.21
CA GLU A 312 12.55 -15.65 0.24
C GLU A 312 12.35 -14.39 -0.59
N HIS A 313 11.74 -14.53 -1.77
CA HIS A 313 11.42 -13.39 -2.60
C HIS A 313 10.50 -12.44 -1.85
N LEU A 314 9.40 -12.94 -1.33
CA LEU A 314 8.49 -12.14 -0.54
C LEU A 314 9.16 -11.46 0.69
N ALA A 315 9.98 -12.20 1.44
CA ALA A 315 10.71 -11.66 2.58
C ALA A 315 11.67 -10.57 2.18
N ASP A 316 12.37 -10.73 1.05
CA ASP A 316 13.30 -9.69 0.58
C ASP A 316 12.53 -8.40 0.33
N TYR A 317 11.40 -8.50 -0.39
CA TYR A 317 10.55 -7.37 -0.71
C TYR A 317 10.03 -6.66 0.60
N LEU A 318 9.61 -7.44 1.57
CA LEU A 318 8.94 -6.91 2.73
C LEU A 318 9.99 -6.31 3.66
N GLU A 319 11.19 -6.88 3.63
CA GLU A 319 12.32 -6.36 4.41
C GLU A 319 12.76 -5.00 3.88
N ALA A 320 12.81 -4.85 2.58
CA ALA A 320 13.08 -3.57 1.98
C ALA A 320 11.98 -2.56 2.30
N TYR A 321 10.73 -3.00 2.30
CA TYR A 321 9.63 -2.15 2.68
C TYR A 321 9.78 -1.73 4.12
N TRP A 322 10.07 -2.69 5.00
CA TRP A 322 10.38 -2.39 6.40
C TRP A 322 11.43 -1.28 6.48
N LYS A 323 12.51 -1.42 5.74
CA LYS A 323 13.54 -0.41 5.72
C LYS A 323 13.06 0.96 5.15
N ALA A 324 12.19 0.94 4.14
CA ALA A 324 11.61 2.17 3.63
C ALA A 324 10.80 2.89 4.72
N THR A 325 10.10 2.11 5.54
CA THR A 325 9.19 2.65 6.54
C THR A 325 9.83 2.87 7.89
N HIS A 326 11.03 2.35 8.15
CA HIS A 326 11.68 2.59 9.44
C HIS A 326 13.08 3.24 9.31
N PRO A 327 14.14 2.45 9.10
CA PRO A 327 15.56 2.77 9.36
C PRO A 327 16.02 3.89 10.31
N PRO A 328 17.35 4.00 10.47
CA PRO A 328 17.97 4.76 11.58
C PRO A 328 17.42 6.14 11.82
N SER A 329 16.90 6.36 13.02
CA SER A 329 16.26 7.61 13.44
C SER A 329 15.45 7.24 14.69
N SER A 330 14.52 6.31 14.48
CA SER A 330 13.64 5.77 15.52
C SER A 330 14.43 5.04 16.60
N GLN B 2 10.56 -29.73 -16.92
CA GLN B 2 10.20 -28.42 -16.30
C GLN B 2 8.77 -28.41 -15.77
N LEU B 3 7.90 -29.23 -16.37
CA LEU B 3 6.56 -29.43 -15.84
C LEU B 3 6.65 -30.32 -14.63
N GLU B 4 7.49 -31.34 -14.71
CA GLU B 4 7.70 -32.24 -13.58
C GLU B 4 8.33 -31.48 -12.40
N GLU B 5 9.19 -30.49 -12.71
CA GLU B 5 9.84 -29.67 -11.68
C GLU B 5 8.77 -28.77 -11.00
N ASP B 6 8.05 -28.01 -11.83
CA ASP B 6 6.94 -27.15 -11.39
C ASP B 6 6.03 -27.95 -10.48
N LEU B 7 5.52 -29.06 -11.00
CA LEU B 7 4.55 -29.89 -10.27
C LEU B 7 5.06 -30.39 -8.94
N ARG B 8 6.26 -30.92 -8.93
CA ARG B 8 6.82 -31.46 -7.70
C ARG B 8 6.99 -30.35 -6.62
N GLY B 9 7.51 -29.21 -7.02
CA GLY B 9 7.65 -28.07 -6.12
C GLY B 9 6.32 -27.57 -5.60
N TYR B 10 5.35 -27.42 -6.50
CA TYR B 10 4.01 -26.95 -6.17
C TYR B 10 3.24 -27.90 -5.33
N MET B 11 3.42 -29.21 -5.55
CA MET B 11 2.81 -30.25 -4.72
C MET B 11 3.28 -30.19 -3.27
N SER B 12 4.58 -30.06 -3.03
CA SER B 12 5.10 -30.01 -1.66
C SER B 12 4.72 -28.65 -1.02
N TRP B 13 4.68 -27.59 -1.82
CA TRP B 13 4.15 -26.29 -1.35
C TRP B 13 2.74 -26.53 -0.81
N ILE B 14 1.90 -27.24 -1.55
CA ILE B 14 0.52 -27.48 -1.12
C ILE B 14 0.49 -28.20 0.20
N THR B 15 1.34 -29.21 0.35
CA THR B 15 1.40 -29.99 1.57
C THR B 15 1.79 -29.10 2.76
N GLN B 16 2.59 -28.07 2.52
CA GLN B 16 2.95 -27.14 3.59
C GLN B 16 1.76 -26.27 4.01
N GLY B 17 0.75 -26.16 3.15
CA GLY B 17 -0.48 -25.46 3.46
C GLY B 17 -1.61 -26.28 4.08
N GLU B 18 -1.31 -27.46 4.62
CA GLU B 18 -2.35 -28.32 5.23
C GLU B 18 -2.78 -27.88 6.65
#